data_2LEE
#
_entry.id   2LEE
#
_entity_poly.entity_id   1
_entity_poly.type   'polydeoxyribonucleotide'
_entity_poly.pdbx_seq_one_letter_code
;(DT)(DA)(DG)(DG)(DG)(DC)(DG)(DG)(DG)(DA)(DG)(DG)(DG)(DA)(DG)(DG)(DG)(DA)(DA)
;
_entity_poly.pdbx_strand_id   A
#
loop_
_chem_comp.id
_chem_comp.type
_chem_comp.name
_chem_comp.formula
DA DNA linking 2'-DEOXYADENOSINE-5'-MONOPHOSPHATE 'C10 H14 N5 O6 P'
DC DNA linking 2'-DEOXYCYTIDINE-5'-MONOPHOSPHATE 'C9 H14 N3 O7 P'
DG DNA linking 2'-DEOXYGUANOSINE-5'-MONOPHOSPHATE 'C10 H14 N5 O7 P'
DT DNA linking THYMIDINE-5'-MONOPHOSPHATE 'C10 H15 N2 O8 P'
#